data_5J9O
#
_entry.id   5J9O
#
_cell.length_a   90.102
_cell.length_b   63.798
_cell.length_c   70.955
_cell.angle_alpha   90.00
_cell.angle_beta   92.95
_cell.angle_gamma   90.00
#
_symmetry.space_group_name_H-M   'C 1 2 1'
#
loop_
_entity.id
_entity.type
_entity.pdbx_description
1 polymer 'Queuine tRNA-ribosyltransferase'
2 non-polymer 'ZINC ION'
3 non-polymer GLYCEROL
4 non-polymer N-[2-(methylamino)-1H-benzimidazol-6-yl]guanidine
5 non-polymer 'CHLORIDE ION'
6 water water
#
_entity_poly.entity_id   1
_entity_poly.type   'polypeptide(L)'
_entity_poly.pdbx_seq_one_letter_code
;MVEATAQETDRPRFSFSIAAREGKARTGTIEMKRGVIRTPAFMPVGTAATVKALKPETVRATGADIILGNTYHLMLRPGA
ERIAKLGGLHSFMGWDRPILTDSGGYQVMSLSSLTKQSEEGVTFKSHLDGSRHMLSPERSIEIQHLLGSDIVMAFDECTP
YPATPSRAASSMERSMRWAKRSRDAFDSRKEQAENAALFGIQQGSVFENLRQQSADALAEIGFDGYAVGGLAVGEGQDEM
FRVLDFSVPMLPDDKPHYLMGVGKPDDIVGAVERGIDMFDCVLPTRSGRNGQAFTWDGPINIRNARFSEDLKPLDSECHC
AVCQKWSRAYIHHLIRAGEILGAMLMTEHNIAFYQQLMQKIRDSISEGRFSQFAQDFRARYFARNS
;
_entity_poly.pdbx_strand_id   A
#
loop_
_chem_comp.id
_chem_comp.type
_chem_comp.name
_chem_comp.formula
6H8 non-polymer N-[2-(methylamino)-1H-benzimidazol-6-yl]guanidine 'C9 H12 N6'
CL non-polymer 'CHLORIDE ION' 'Cl -1'
GOL non-polymer GLYCEROL 'C3 H8 O3'
ZN non-polymer 'ZINC ION' 'Zn 2'
#
# COMPACT_ATOMS: atom_id res chain seq x y z
N ARG A 11 25.14 1.10 0.63
CA ARG A 11 23.68 1.22 0.63
C ARG A 11 23.12 1.04 2.03
N PRO A 12 22.37 2.03 2.52
CA PRO A 12 21.90 1.99 3.89
C PRO A 12 20.72 1.05 4.08
N ARG A 13 20.55 0.61 5.33
CA ARG A 13 19.38 -0.18 5.70
C ARG A 13 18.10 0.61 5.45
N PHE A 14 18.06 1.85 5.92
CA PHE A 14 16.85 2.66 5.81
C PHE A 14 17.23 4.11 6.07
N SER A 15 17.09 4.96 5.05
CA SER A 15 17.40 6.38 5.17
C SER A 15 16.34 7.17 4.42
N PHE A 16 15.49 7.88 5.17
CA PHE A 16 14.46 8.74 4.60
C PHE A 16 14.99 10.17 4.57
N SER A 17 14.98 10.77 3.39
N SER A 17 14.96 10.79 3.40
CA SER A 17 15.37 12.15 3.19
CA SER A 17 15.39 12.17 3.24
C SER A 17 14.19 12.89 2.57
C SER A 17 14.31 12.96 2.49
N ILE A 18 13.88 14.06 3.09
CA ILE A 18 12.89 14.94 2.50
C ILE A 18 13.63 16.00 1.71
N ALA A 19 13.42 16.01 0.39
CA ALA A 19 14.10 16.95 -0.49
C ALA A 19 13.36 18.26 -0.64
N ALA A 20 12.04 18.26 -0.46
CA ALA A 20 11.26 19.48 -0.69
C ALA A 20 9.91 19.33 -0.01
N ARG A 21 9.33 20.47 0.35
N ARG A 21 9.34 20.47 0.35
CA ARG A 21 8.04 20.51 1.03
CA ARG A 21 8.04 20.53 1.01
C ARG A 21 7.20 21.65 0.48
C ARG A 21 7.19 21.60 0.34
N GLU A 22 5.88 21.43 0.48
CA GLU A 22 4.93 22.48 0.12
C GLU A 22 3.70 22.26 1.00
N GLY A 23 3.45 23.21 1.91
CA GLY A 23 2.42 22.98 2.90
C GLY A 23 2.77 21.75 3.74
N LYS A 24 1.78 20.87 3.91
CA LYS A 24 2.01 19.61 4.60
C LYS A 24 2.61 18.54 3.68
N ALA A 25 2.70 18.78 2.38
CA ALA A 25 3.18 17.76 1.45
C ALA A 25 4.70 17.71 1.46
N ARG A 26 5.23 16.49 1.28
CA ARG A 26 6.66 16.28 1.24
C ARG A 26 7.01 15.39 0.05
N THR A 27 8.23 15.55 -0.45
CA THR A 27 8.75 14.65 -1.47
C THR A 27 10.20 14.34 -1.13
N GLY A 28 10.61 13.12 -1.42
CA GLY A 28 11.98 12.72 -1.13
C GLY A 28 12.25 11.28 -1.50
N THR A 29 13.11 10.62 -0.72
CA THR A 29 13.54 9.26 -1.02
C THR A 29 13.69 8.46 0.27
N ILE A 30 13.41 7.17 0.17
CA ILE A 30 13.83 6.20 1.18
C ILE A 30 14.87 5.31 0.53
N GLU A 31 16.09 5.34 1.03
CA GLU A 31 17.13 4.45 0.53
C GLU A 31 17.17 3.19 1.37
N MET A 32 17.17 2.04 0.72
CA MET A 32 17.23 0.75 1.37
C MET A 32 18.25 -0.11 0.63
N LYS A 33 18.57 -1.28 1.21
CA LYS A 33 19.61 -2.09 0.62
C LYS A 33 19.24 -2.57 -0.78
N ARG A 34 17.97 -2.85 -1.03
N ARG A 34 17.96 -2.84 -1.02
CA ARG A 34 17.52 -3.35 -2.32
CA ARG A 34 17.51 -3.35 -2.30
C ARG A 34 17.08 -2.27 -3.30
C ARG A 34 17.05 -2.27 -3.29
N GLY A 35 17.14 -1.01 -2.93
CA GLY A 35 16.83 0.05 -3.87
C GLY A 35 16.29 1.29 -3.18
N VAL A 36 16.08 2.32 -4.01
CA VAL A 36 15.55 3.61 -3.59
C VAL A 36 14.05 3.65 -3.86
N ILE A 37 13.30 4.19 -2.90
CA ILE A 37 11.86 4.41 -3.02
C ILE A 37 11.63 5.91 -3.10
N ARG A 38 11.10 6.38 -4.23
CA ARG A 38 10.78 7.79 -4.38
C ARG A 38 9.43 8.08 -3.74
N THR A 39 9.36 9.14 -2.94
CA THR A 39 8.13 9.45 -2.21
C THR A 39 7.60 10.85 -2.60
N PRO A 40 6.28 11.03 -2.62
CA PRO A 40 5.25 10.02 -2.32
C PRO A 40 5.25 8.84 -3.29
N ALA A 41 5.04 7.64 -2.74
CA ALA A 41 5.17 6.39 -3.46
C ALA A 41 3.85 5.65 -3.50
N PHE A 42 3.57 4.98 -4.62
CA PHE A 42 2.49 4.04 -4.70
C PHE A 42 3.04 2.63 -4.86
N MET A 43 2.56 1.71 -4.01
CA MET A 43 3.01 0.33 -3.99
C MET A 43 1.95 -0.57 -4.62
N PRO A 44 2.22 -1.16 -5.78
CA PRO A 44 1.30 -2.18 -6.30
C PRO A 44 1.19 -3.32 -5.31
N VAL A 45 0.01 -3.93 -5.26
CA VAL A 45 -0.26 -5.00 -4.32
C VAL A 45 0.02 -6.34 -4.98
N GLY A 46 0.80 -7.19 -4.29
CA GLY A 46 1.14 -8.51 -4.80
C GLY A 46 0.87 -9.58 -3.76
N THR A 47 -0.40 -9.70 -3.36
N THR A 47 -0.41 -9.75 -3.44
CA THR A 47 -0.76 -10.52 -2.20
CA THR A 47 -0.85 -10.49 -2.26
C THR A 47 -0.20 -11.93 -2.29
C THR A 47 -0.35 -11.93 -2.26
N ALA A 48 -0.50 -12.63 -3.38
CA ALA A 48 -0.09 -14.04 -3.51
C ALA A 48 1.27 -14.21 -4.19
N ALA A 49 2.23 -13.34 -3.88
CA ALA A 49 3.57 -13.39 -4.48
C ALA A 49 3.55 -13.11 -5.98
N THR A 50 2.58 -12.31 -6.40
CA THR A 50 2.50 -11.80 -7.77
C THR A 50 1.62 -10.57 -7.77
N VAL A 51 2.05 -9.54 -8.52
CA VAL A 51 1.15 -8.44 -8.84
C VAL A 51 0.30 -8.94 -10.00
N LYS A 52 -1.00 -9.07 -9.77
CA LYS A 52 -1.84 -9.88 -10.65
C LYS A 52 -1.73 -9.46 -12.11
N ALA A 53 -1.42 -10.44 -12.96
CA ALA A 53 -1.35 -10.33 -14.42
C ALA A 53 -0.11 -9.61 -14.94
N LEU A 54 0.92 -9.37 -14.11
CA LEU A 54 2.12 -8.69 -14.55
C LEU A 54 3.36 -9.47 -14.17
N LYS A 55 4.30 -9.65 -15.11
CA LYS A 55 5.63 -10.05 -14.72
C LYS A 55 6.27 -8.94 -13.89
N PRO A 56 7.18 -9.29 -12.97
CA PRO A 56 7.87 -8.24 -12.20
C PRO A 56 8.61 -7.22 -13.04
N GLU A 57 9.18 -7.62 -14.19
CA GLU A 57 9.83 -6.62 -15.03
C GLU A 57 8.83 -5.60 -15.55
N THR A 58 7.58 -6.02 -15.80
CA THR A 58 6.56 -5.08 -16.24
C THR A 58 6.17 -4.17 -15.09
N VAL A 59 6.07 -4.71 -13.87
CA VAL A 59 5.82 -3.86 -12.71
C VAL A 59 6.89 -2.78 -12.62
N ARG A 60 8.16 -3.17 -12.77
CA ARG A 60 9.23 -2.19 -12.71
C ARG A 60 9.13 -1.18 -13.85
N ALA A 61 8.75 -1.64 -15.04
CA ALA A 61 8.70 -0.76 -16.21
C ALA A 61 7.66 0.34 -16.03
N THR A 62 6.62 0.09 -15.23
CA THR A 62 5.64 1.13 -14.96
C THR A 62 6.18 2.22 -14.05
N GLY A 63 7.31 1.99 -13.40
CA GLY A 63 7.89 2.97 -12.47
C GLY A 63 7.82 2.58 -11.01
N ALA A 64 7.22 1.45 -10.67
CA ALA A 64 7.15 1.05 -9.26
C ALA A 64 8.54 0.81 -8.67
N ASP A 65 8.76 1.35 -7.46
CA ASP A 65 10.00 1.16 -6.70
C ASP A 65 9.90 0.07 -5.64
N ILE A 66 8.68 -0.31 -5.25
CA ILE A 66 8.45 -1.21 -4.13
C ILE A 66 7.06 -1.78 -4.35
N ILE A 67 6.86 -3.04 -3.95
CA ILE A 67 5.56 -3.70 -4.00
C ILE A 67 5.20 -4.19 -2.59
N LEU A 68 3.92 -4.50 -2.43
CA LEU A 68 3.39 -4.96 -1.15
C LEU A 68 3.05 -6.44 -1.24
N GLY A 69 3.51 -7.22 -0.24
CA GLY A 69 3.08 -8.58 -0.02
C GLY A 69 2.31 -8.68 1.29
N ASN A 70 1.81 -9.89 1.58
CA ASN A 70 0.90 -10.07 2.70
C ASN A 70 1.26 -11.30 3.53
N THR A 71 1.48 -11.09 4.83
CA THR A 71 1.82 -12.18 5.75
C THR A 71 0.72 -13.24 5.79
N TYR A 72 -0.53 -12.80 5.89
CA TYR A 72 -1.64 -13.75 6.04
C TYR A 72 -1.76 -14.66 4.82
N HIS A 73 -1.74 -14.08 3.63
CA HIS A 73 -1.93 -14.92 2.44
C HIS A 73 -0.74 -15.86 2.23
N LEU A 74 0.48 -15.35 2.38
CA LEU A 74 1.64 -16.17 2.09
C LEU A 74 1.87 -17.24 3.16
N MET A 75 1.46 -16.99 4.41
CA MET A 75 1.61 -18.03 5.41
C MET A 75 0.69 -19.20 5.15
N LEU A 76 -0.43 -18.96 4.46
CA LEU A 76 -1.34 -20.04 4.11
C LEU A 76 -0.92 -20.74 2.83
N ARG A 77 -0.45 -19.96 1.85
CA ARG A 77 -0.12 -20.50 0.54
C ARG A 77 0.90 -19.54 -0.09
N PRO A 78 2.13 -20.04 -0.34
CA PRO A 78 2.60 -21.42 -0.24
C PRO A 78 3.16 -21.80 1.13
N GLY A 79 3.20 -20.87 2.07
CA GLY A 79 3.77 -21.12 3.38
C GLY A 79 5.07 -20.35 3.60
N ALA A 80 5.25 -19.81 4.80
CA ALA A 80 6.40 -18.95 5.09
C ALA A 80 7.69 -19.76 5.13
N GLU A 81 7.69 -20.89 5.85
CA GLU A 81 8.90 -21.71 5.90
C GLU A 81 9.27 -22.22 4.52
N ARG A 82 8.27 -22.58 3.71
CA ARG A 82 8.55 -23.02 2.35
C ARG A 82 9.20 -21.91 1.53
N ILE A 83 8.66 -20.69 1.59
CA ILE A 83 9.29 -19.59 0.87
C ILE A 83 10.72 -19.39 1.34
N ALA A 84 10.98 -19.49 2.64
CA ALA A 84 12.35 -19.32 3.13
C ALA A 84 13.26 -20.42 2.61
N LYS A 85 12.76 -21.66 2.59
CA LYS A 85 13.56 -22.77 2.07
C LYS A 85 13.89 -22.56 0.61
N LEU A 86 12.99 -21.94 -0.14
CA LEU A 86 13.21 -21.70 -1.56
C LEU A 86 14.05 -20.45 -1.82
N GLY A 87 14.47 -19.73 -0.79
CA GLY A 87 15.36 -18.60 -0.98
C GLY A 87 14.76 -17.25 -0.64
N GLY A 88 13.54 -17.20 -0.13
CA GLY A 88 12.91 -15.95 0.20
C GLY A 88 11.98 -15.45 -0.90
N LEU A 89 11.14 -14.49 -0.52
CA LEU A 89 10.09 -14.01 -1.43
C LEU A 89 10.66 -13.33 -2.67
N HIS A 90 11.75 -12.56 -2.53
CA HIS A 90 12.32 -11.86 -3.67
C HIS A 90 12.74 -12.84 -4.77
N SER A 91 13.53 -13.85 -4.41
N SER A 91 13.50 -13.87 -4.44
CA SER A 91 13.96 -14.87 -5.36
CA SER A 91 13.93 -14.80 -5.48
C SER A 91 12.77 -15.64 -5.92
C SER A 91 12.79 -15.71 -5.93
N PHE A 92 11.84 -16.00 -5.04
CA PHE A 92 10.69 -16.83 -5.41
C PHE A 92 9.90 -16.19 -6.55
N MET A 93 9.58 -14.90 -6.42
CA MET A 93 8.73 -14.25 -7.39
C MET A 93 9.51 -13.45 -8.44
N GLY A 94 10.81 -13.28 -8.27
CA GLY A 94 11.60 -12.57 -9.24
C GLY A 94 11.53 -11.07 -9.16
N TRP A 95 11.34 -10.52 -7.97
CA TRP A 95 11.35 -9.08 -7.74
C TRP A 95 12.49 -8.80 -6.78
N ASP A 96 13.52 -8.08 -7.23
CA ASP A 96 14.73 -7.92 -6.45
C ASP A 96 14.79 -6.59 -5.70
N ARG A 97 13.73 -5.78 -5.78
CA ARG A 97 13.67 -4.48 -5.15
C ARG A 97 12.93 -4.57 -3.81
N PRO A 98 12.74 -3.47 -3.09
CA PRO A 98 12.09 -3.57 -1.78
C PRO A 98 10.67 -4.13 -1.85
N ILE A 99 10.32 -4.88 -0.80
CA ILE A 99 8.98 -5.40 -0.59
C ILE A 99 8.56 -5.01 0.82
N LEU A 100 7.39 -4.40 0.95
CA LEU A 100 6.75 -4.19 2.24
C LEU A 100 5.72 -5.29 2.44
N THR A 101 5.69 -5.89 3.62
CA THR A 101 4.69 -6.90 3.93
C THR A 101 3.76 -6.40 5.02
N ASP A 102 2.45 -6.44 4.76
CA ASP A 102 1.52 -6.22 5.85
C ASP A 102 1.61 -7.40 6.82
N SER A 103 1.21 -7.15 8.05
CA SER A 103 1.48 -8.06 9.16
C SER A 103 0.45 -9.17 9.31
N GLY A 104 -0.70 -9.05 8.65
CA GLY A 104 -1.76 -10.04 8.72
C GLY A 104 -2.95 -9.64 9.56
N GLY A 105 -2.82 -8.60 10.38
CA GLY A 105 -3.89 -8.25 11.29
C GLY A 105 -5.20 -7.92 10.59
N TYR A 106 -5.12 -7.30 9.41
CA TYR A 106 -6.34 -6.92 8.72
C TYR A 106 -7.06 -8.14 8.15
N GLN A 107 -6.32 -9.06 7.52
CA GLN A 107 -6.95 -10.24 6.93
C GLN A 107 -7.48 -11.20 7.98
N VAL A 108 -6.86 -11.28 9.15
CA VAL A 108 -7.44 -12.07 10.23
C VAL A 108 -8.88 -11.63 10.47
N MET A 109 -9.12 -10.32 10.45
CA MET A 109 -10.46 -9.79 10.61
C MET A 109 -11.31 -9.99 9.36
N SER A 110 -10.76 -9.67 8.19
CA SER A 110 -11.59 -9.55 6.99
C SER A 110 -11.85 -10.89 6.30
N LEU A 111 -10.92 -11.84 6.41
CA LEU A 111 -11.00 -13.08 5.63
C LEU A 111 -11.15 -14.34 6.47
N SER A 112 -10.59 -14.39 7.67
CA SER A 112 -10.57 -15.64 8.42
C SER A 112 -11.84 -15.79 9.26
N SER A 113 -11.92 -16.89 10.00
CA SER A 113 -13.06 -17.15 10.86
C SER A 113 -12.66 -18.10 11.99
N LYS A 116 -10.63 -16.68 17.41
CA LYS A 116 -10.41 -16.52 18.85
C LYS A 116 -9.29 -15.53 19.13
N GLN A 117 -9.63 -14.43 19.78
CA GLN A 117 -8.70 -13.33 20.04
C GLN A 117 -8.41 -13.23 21.53
N SER A 118 -7.14 -13.02 21.86
CA SER A 118 -6.70 -12.84 23.24
C SER A 118 -5.54 -11.84 23.23
N GLU A 119 -5.01 -11.57 24.43
CA GLU A 119 -3.85 -10.69 24.52
C GLU A 119 -2.62 -11.31 23.87
N GLU A 120 -2.52 -12.65 23.86
CA GLU A 120 -1.35 -13.30 23.29
C GLU A 120 -1.32 -13.18 21.78
N GLY A 121 -2.48 -13.27 21.14
CA GLY A 121 -2.53 -13.29 19.69
C GLY A 121 -3.91 -13.74 19.25
N VAL A 122 -3.94 -14.43 18.11
CA VAL A 122 -5.20 -14.84 17.52
C VAL A 122 -5.02 -16.21 16.86
N THR A 123 -6.01 -17.07 17.07
CA THR A 123 -6.14 -18.31 16.31
C THR A 123 -7.33 -18.18 15.37
N PHE A 124 -7.23 -18.81 14.21
CA PHE A 124 -8.24 -18.61 13.17
C PHE A 124 -8.21 -19.77 12.19
N LYS A 125 -9.30 -19.89 11.44
CA LYS A 125 -9.43 -20.87 10.37
C LYS A 125 -9.20 -20.19 9.02
N SER A 126 -8.44 -20.85 8.17
CA SER A 126 -8.13 -20.31 6.85
C SER A 126 -9.40 -20.25 5.99
N HIS A 127 -9.52 -19.17 5.21
CA HIS A 127 -10.64 -19.03 4.29
C HIS A 127 -10.52 -19.99 3.11
N LEU A 128 -9.33 -20.53 2.86
CA LEU A 128 -9.14 -21.40 1.70
C LEU A 128 -9.55 -22.84 2.00
N ASP A 129 -9.20 -23.36 3.19
CA ASP A 129 -9.48 -24.75 3.50
C ASP A 129 -9.89 -25.01 4.94
N GLY A 130 -10.08 -23.97 5.75
CA GLY A 130 -10.53 -24.16 7.11
C GLY A 130 -9.51 -24.68 8.08
N SER A 131 -8.27 -24.87 7.67
CA SER A 131 -7.23 -25.31 8.60
C SER A 131 -6.96 -24.21 9.63
N ARG A 132 -6.57 -24.63 10.83
CA ARG A 132 -6.35 -23.71 11.93
C ARG A 132 -4.93 -23.16 11.90
N HIS A 133 -4.79 -21.87 12.23
CA HIS A 133 -3.52 -21.20 12.22
C HIS A 133 -3.48 -20.20 13.38
N MET A 134 -2.26 -19.78 13.72
CA MET A 134 -2.04 -18.84 14.81
C MET A 134 -1.24 -17.65 14.30
N LEU A 135 -1.59 -16.47 14.77
CA LEU A 135 -0.76 -15.29 14.59
C LEU A 135 -0.61 -14.55 15.91
N SER A 136 0.54 -13.92 16.07
CA SER A 136 0.87 -13.13 17.24
C SER A 136 1.88 -12.11 16.79
N PRO A 137 2.17 -11.08 17.60
CA PRO A 137 3.26 -10.16 17.21
C PRO A 137 4.55 -10.91 16.89
N GLU A 138 4.92 -11.87 17.74
CA GLU A 138 6.18 -12.56 17.52
C GLU A 138 6.13 -13.45 16.27
N ARG A 139 4.99 -14.11 16.05
CA ARG A 139 4.89 -15.01 14.90
C ARG A 139 4.81 -14.22 13.59
N SER A 140 4.10 -13.08 13.60
CA SER A 140 4.02 -12.23 12.41
C SER A 140 5.40 -11.74 12.01
N ILE A 141 6.17 -11.24 12.99
CA ILE A 141 7.52 -10.76 12.70
C ILE A 141 8.39 -11.90 12.18
N GLU A 142 8.27 -13.09 12.78
N GLU A 142 8.27 -13.09 12.77
CA GLU A 142 9.04 -14.24 12.30
CA GLU A 142 9.06 -14.22 12.30
C GLU A 142 8.67 -14.61 10.88
C GLU A 142 8.66 -14.64 10.88
N ILE A 143 7.36 -14.61 10.55
CA ILE A 143 6.94 -14.91 9.19
C ILE A 143 7.50 -13.89 8.22
N GLN A 144 7.47 -12.61 8.59
CA GLN A 144 8.03 -11.59 7.72
C GLN A 144 9.54 -11.75 7.58
N HIS A 145 10.22 -12.25 8.62
CA HIS A 145 11.64 -12.56 8.49
C HIS A 145 11.85 -13.71 7.51
N LEU A 146 11.06 -14.78 7.63
CA LEU A 146 11.16 -15.90 6.71
C LEU A 146 10.92 -15.47 5.26
N LEU A 147 9.97 -14.55 5.05
CA LEU A 147 9.71 -14.05 3.70
C LEU A 147 10.86 -13.19 3.19
N GLY A 148 11.63 -12.58 4.10
CA GLY A 148 12.68 -11.67 3.69
C GLY A 148 12.21 -10.28 3.36
N SER A 149 11.09 -9.84 3.96
N SER A 149 11.09 -9.85 3.95
CA SER A 149 10.54 -8.51 3.69
CA SER A 149 10.56 -8.51 3.75
C SER A 149 11.52 -7.41 4.08
C SER A 149 11.62 -7.45 4.02
N ASP A 150 11.56 -6.35 3.27
CA ASP A 150 12.40 -5.20 3.54
C ASP A 150 11.75 -4.22 4.51
N ILE A 151 10.45 -3.98 4.38
CA ILE A 151 9.70 -3.19 5.35
C ILE A 151 8.69 -4.10 6.03
N VAL A 152 8.88 -4.28 7.33
CA VAL A 152 8.07 -5.16 8.16
C VAL A 152 7.04 -4.30 8.86
N MET A 153 5.77 -4.72 8.84
CA MET A 153 4.72 -4.03 9.59
C MET A 153 4.53 -4.69 10.95
N ALA A 154 4.37 -3.86 11.97
CA ALA A 154 3.95 -4.35 13.28
C ALA A 154 2.61 -5.06 13.16
N PHE A 155 2.41 -6.05 14.02
CA PHE A 155 1.18 -6.83 14.03
C PHE A 155 0.17 -6.13 14.93
N ASP A 156 -1.02 -5.89 14.40
CA ASP A 156 -2.04 -5.14 15.10
C ASP A 156 -3.32 -5.95 15.23
N GLU A 157 -4.23 -5.46 16.07
CA GLU A 157 -5.58 -6.00 16.19
C GLU A 157 -6.54 -5.00 15.56
N CYS A 158 -7.25 -5.43 14.52
CA CYS A 158 -8.17 -4.57 13.80
C CYS A 158 -9.60 -4.78 14.28
N THR A 159 -10.43 -3.76 14.09
CA THR A 159 -11.84 -3.85 14.41
C THR A 159 -12.67 -3.34 13.23
N PRO A 160 -13.81 -3.95 12.96
CA PRO A 160 -14.54 -3.63 11.73
C PRO A 160 -15.13 -2.23 11.74
N TYR A 161 -15.34 -1.71 10.54
CA TYR A 161 -16.02 -0.44 10.34
C TYR A 161 -17.52 -0.68 10.23
N PRO A 162 -18.33 0.22 10.83
CA PRO A 162 -17.89 1.31 11.69
C PRO A 162 -17.66 0.85 13.12
N ALA A 163 -16.57 1.29 13.73
CA ALA A 163 -16.23 0.87 15.08
C ALA A 163 -16.82 1.83 16.10
N THR A 164 -17.39 1.25 17.16
CA THR A 164 -17.85 2.05 18.27
C THR A 164 -16.63 2.63 19.00
N PRO A 165 -16.83 3.70 19.79
CA PRO A 165 -15.69 4.21 20.57
C PRO A 165 -15.04 3.15 21.44
N SER A 166 -15.84 2.27 22.04
CA SER A 166 -15.30 1.22 22.90
C SER A 166 -14.45 0.23 22.11
N ARG A 167 -14.97 -0.24 20.98
CA ARG A 167 -14.20 -1.19 20.16
C ARG A 167 -12.97 -0.55 19.55
N ALA A 168 -13.06 0.73 19.17
CA ALA A 168 -11.91 1.43 18.61
C ALA A 168 -10.80 1.55 19.65
N ALA A 169 -11.15 1.94 20.88
CA ALA A 169 -10.16 2.08 21.93
C ALA A 169 -9.53 0.73 22.28
N SER A 170 -10.37 -0.30 22.45
CA SER A 170 -9.86 -1.60 22.87
C SER A 170 -8.87 -2.17 21.87
N SER A 171 -9.22 -2.13 20.58
N SER A 171 -9.22 -2.13 20.58
CA SER A 171 -8.32 -2.65 19.56
CA SER A 171 -8.32 -2.65 19.56
C SER A 171 -7.07 -1.79 19.40
C SER A 171 -7.07 -1.79 19.40
N MET A 172 -7.19 -0.48 19.61
CA MET A 172 -6.03 0.39 19.51
C MET A 172 -5.05 0.11 20.64
N GLU A 173 -5.55 0.01 21.89
CA GLU A 173 -4.65 -0.19 23.03
C GLU A 173 -3.92 -1.52 22.94
N ARG A 174 -4.63 -2.58 22.58
CA ARG A 174 -3.96 -3.86 22.35
C ARG A 174 -2.93 -3.73 21.23
N SER A 175 -3.30 -3.01 20.16
CA SER A 175 -2.36 -2.81 19.06
C SER A 175 -1.09 -2.12 19.53
N MET A 176 -1.20 -1.20 20.48
CA MET A 176 -0.01 -0.51 20.98
C MET A 176 0.87 -1.45 21.80
N ARG A 177 0.27 -2.29 22.64
CA ARG A 177 1.05 -3.31 23.33
C ARG A 177 1.68 -4.27 22.33
N TRP A 178 0.94 -4.63 21.28
CA TRP A 178 1.48 -5.52 20.27
C TRP A 178 2.55 -4.83 19.43
N ALA A 179 2.48 -3.50 19.33
CA ALA A 179 3.53 -2.77 18.61
C ALA A 179 4.86 -2.87 19.35
N LYS A 180 4.83 -2.78 20.69
CA LYS A 180 6.04 -2.97 21.47
C LYS A 180 6.57 -4.39 21.34
N ARG A 181 5.67 -5.38 21.36
CA ARG A 181 6.12 -6.75 21.18
C ARG A 181 6.70 -6.98 19.79
N SER A 182 6.11 -6.33 18.76
CA SER A 182 6.66 -6.41 17.41
C SER A 182 8.05 -5.80 17.34
N ARG A 183 8.22 -4.63 17.96
CA ARG A 183 9.53 -3.98 18.04
C ARG A 183 10.57 -4.90 18.66
N ASP A 184 10.24 -5.54 19.80
CA ASP A 184 11.20 -6.38 20.50
C ASP A 184 11.54 -7.63 19.71
N ALA A 185 10.54 -8.23 19.05
CA ALA A 185 10.80 -9.42 18.26
C ALA A 185 11.69 -9.10 17.07
N PHE A 186 11.43 -7.98 16.40
CA PHE A 186 12.26 -7.54 15.29
C PHE A 186 13.70 -7.28 15.75
N ASP A 187 13.85 -6.55 16.86
CA ASP A 187 15.19 -6.19 17.34
C ASP A 187 15.98 -7.41 17.80
N SER A 188 15.32 -8.47 18.23
N SER A 188 15.30 -8.48 18.22
CA SER A 188 16.01 -9.67 18.69
CA SER A 188 15.99 -9.68 18.68
C SER A 188 16.34 -10.64 17.56
C SER A 188 16.57 -10.49 17.53
N ARG A 189 16.11 -10.26 16.31
CA ARG A 189 16.52 -11.04 15.14
C ARG A 189 17.55 -10.19 14.40
N LYS A 190 18.83 -10.52 14.59
CA LYS A 190 19.92 -9.65 14.16
C LYS A 190 19.86 -9.36 12.65
N GLU A 191 19.70 -10.41 11.84
CA GLU A 191 19.67 -10.22 10.39
C GLU A 191 18.54 -9.30 9.98
N GLN A 192 17.40 -9.41 10.64
CA GLN A 192 16.26 -8.55 10.36
C GLN A 192 16.56 -7.11 10.78
N ALA A 193 17.06 -6.92 11.99
CA ALA A 193 17.32 -5.58 12.49
C ALA A 193 18.39 -4.86 11.66
N GLU A 194 19.34 -5.61 11.09
CA GLU A 194 20.41 -5.00 10.31
C GLU A 194 20.03 -4.72 8.86
N ASN A 195 19.05 -5.42 8.30
CA ASN A 195 18.78 -5.34 6.88
C ASN A 195 17.38 -4.87 6.52
N ALA A 196 16.43 -4.89 7.45
CA ALA A 196 15.05 -4.49 7.21
C ALA A 196 14.70 -3.28 8.04
N ALA A 197 13.49 -2.77 7.81
CA ALA A 197 12.93 -1.67 8.58
C ALA A 197 11.60 -2.12 9.17
N LEU A 198 11.16 -1.42 10.20
CA LEU A 198 9.94 -1.77 10.92
C LEU A 198 9.05 -0.54 11.05
N PHE A 199 7.80 -0.66 10.61
CA PHE A 199 6.83 0.43 10.70
C PHE A 199 5.78 0.09 11.75
N GLY A 200 5.37 1.11 12.52
CA GLY A 200 4.24 0.96 13.42
C GLY A 200 2.95 1.37 12.74
N ILE A 201 1.82 0.97 13.30
CA ILE A 201 0.50 1.26 12.74
C ILE A 201 -0.31 2.03 13.77
N GLN A 202 -0.63 3.28 13.46
CA GLN A 202 -1.50 4.09 14.30
C GLN A 202 -2.95 3.64 14.11
N GLN A 203 -3.64 3.41 15.21
CA GLN A 203 -5.07 3.10 15.19
C GLN A 203 -5.82 4.18 15.97
N GLY A 204 -7.08 3.91 16.30
CA GLY A 204 -7.93 4.88 16.96
C GLY A 204 -9.13 5.33 16.15
N SER A 205 -9.33 4.79 14.96
CA SER A 205 -10.55 5.03 14.16
C SER A 205 -10.70 6.53 13.90
N VAL A 206 -11.90 7.08 14.04
CA VAL A 206 -12.16 8.49 13.74
C VAL A 206 -12.02 9.38 14.95
N PHE A 207 -11.54 8.85 16.07
CA PHE A 207 -11.54 9.56 17.35
C PHE A 207 -10.18 10.21 17.58
N GLU A 208 -10.18 11.53 17.68
CA GLU A 208 -8.92 12.28 17.76
C GLU A 208 -8.10 11.88 18.98
N ASN A 209 -8.74 11.72 20.14
CA ASN A 209 -7.99 11.41 21.35
C ASN A 209 -7.32 10.04 21.25
N LEU A 210 -8.00 9.06 20.63
CA LEU A 210 -7.40 7.74 20.47
C LEU A 210 -6.25 7.78 19.48
N ARG A 211 -6.40 8.53 18.37
CA ARG A 211 -5.31 8.70 17.43
C ARG A 211 -4.10 9.32 18.12
N GLN A 212 -4.32 10.27 19.03
CA GLN A 212 -3.22 10.91 19.75
C GLN A 212 -2.54 9.92 20.69
N GLN A 213 -3.34 9.19 21.46
CA GLN A 213 -2.80 8.16 22.33
C GLN A 213 -2.00 7.14 21.54
N SER A 214 -2.51 6.74 20.37
CA SER A 214 -1.81 5.77 19.55
C SER A 214 -0.49 6.35 19.02
N ALA A 215 -0.53 7.58 18.52
CA ALA A 215 0.69 8.22 18.01
C ALA A 215 1.74 8.35 19.12
N ASP A 216 1.31 8.76 20.32
CA ASP A 216 2.24 8.90 21.43
C ASP A 216 2.90 7.57 21.77
N ALA A 217 2.11 6.50 21.82
CA ALA A 217 2.68 5.19 22.15
C ALA A 217 3.67 4.73 21.09
N LEU A 218 3.33 4.94 19.81
CA LEU A 218 4.24 4.49 18.75
C LEU A 218 5.54 5.28 18.75
N ALA A 219 5.46 6.59 18.95
CA ALA A 219 6.67 7.40 18.97
C ALA A 219 7.56 7.06 20.17
N GLU A 220 6.96 6.71 21.30
CA GLU A 220 7.75 6.32 22.46
C GLU A 220 8.54 5.05 22.18
N ILE A 221 7.93 4.09 21.48
CA ILE A 221 8.64 2.87 21.10
C ILE A 221 9.72 3.20 20.08
N GLY A 222 9.34 3.93 19.03
CA GLY A 222 10.24 4.33 17.97
C GLY A 222 10.20 3.36 16.81
N PHE A 223 9.87 3.85 15.62
CA PHE A 223 9.81 3.04 14.41
C PHE A 223 10.51 3.76 13.27
N ASP A 224 10.82 3.00 12.22
CA ASP A 224 11.39 3.61 11.01
C ASP A 224 10.36 4.38 10.21
N GLY A 225 9.08 4.08 10.38
CA GLY A 225 8.02 4.74 9.65
C GLY A 225 6.73 4.47 10.39
N TYR A 226 5.70 5.25 10.05
CA TYR A 226 4.44 5.21 10.78
C TYR A 226 3.31 5.10 9.79
N ALA A 227 2.52 4.04 9.90
CA ALA A 227 1.36 3.86 9.04
C ALA A 227 0.11 4.37 9.75
N VAL A 228 -0.84 4.84 8.96
CA VAL A 228 -2.16 5.19 9.45
C VAL A 228 -3.09 4.03 9.10
N GLY A 229 -3.50 3.27 10.13
CA GLY A 229 -4.44 2.19 9.93
C GLY A 229 -5.89 2.65 10.07
N GLY A 230 -6.81 1.73 9.80
CA GLY A 230 -8.21 1.96 10.09
C GLY A 230 -8.97 2.85 9.13
N LEU A 231 -8.41 3.16 7.97
CA LEU A 231 -9.08 3.93 6.93
C LEU A 231 -9.20 3.08 5.66
N ALA A 232 -9.86 3.63 4.65
CA ALA A 232 -10.19 2.87 3.43
C ALA A 232 -10.98 1.61 3.77
N VAL A 233 -11.93 1.74 4.69
CA VAL A 233 -12.73 0.60 5.14
C VAL A 233 -14.21 0.92 5.01
N GLY A 234 -14.55 2.01 4.31
CA GLY A 234 -15.93 2.40 4.08
C GLY A 234 -16.31 3.79 4.56
N GLU A 235 -15.39 4.61 5.07
CA GLU A 235 -15.74 5.85 5.77
C GLU A 235 -16.05 7.02 4.83
N GLY A 236 -15.70 6.93 3.56
CA GLY A 236 -15.93 8.04 2.65
C GLY A 236 -14.83 9.09 2.71
N GLN A 237 -14.65 9.84 1.63
CA GLN A 237 -13.45 10.66 1.50
C GLN A 237 -13.46 11.84 2.48
N ASP A 238 -14.60 12.50 2.64
CA ASP A 238 -14.66 13.62 3.57
C ASP A 238 -14.21 13.20 4.97
N GLU A 239 -14.72 12.07 5.45
CA GLU A 239 -14.35 11.60 6.78
C GLU A 239 -12.88 11.19 6.83
N MET A 240 -12.40 10.49 5.81
N MET A 240 -12.40 10.51 5.80
CA MET A 240 -11.00 10.11 5.79
CA MET A 240 -11.00 10.11 5.76
C MET A 240 -10.09 11.34 5.84
C MET A 240 -10.07 11.32 5.80
N PHE A 241 -10.42 12.36 5.04
CA PHE A 241 -9.59 13.57 5.03
C PHE A 241 -9.65 14.28 6.38
N ARG A 242 -10.82 14.28 7.02
CA ARG A 242 -10.97 14.85 8.35
C ARG A 242 -10.05 14.14 9.34
N VAL A 243 -10.03 12.81 9.31
CA VAL A 243 -9.17 12.06 10.21
C VAL A 243 -7.69 12.32 9.90
N LEU A 244 -7.33 12.39 8.62
CA LEU A 244 -5.95 12.70 8.27
C LEU A 244 -5.55 14.09 8.74
N ASP A 245 -6.48 15.04 8.68
CA ASP A 245 -6.17 16.42 9.07
C ASP A 245 -5.54 16.49 10.45
N PHE A 246 -6.09 15.76 11.42
CA PHE A 246 -5.50 15.77 12.76
C PHE A 246 -4.55 14.62 13.03
N SER A 247 -4.66 13.50 12.30
CA SER A 247 -3.86 12.33 12.65
C SER A 247 -2.43 12.42 12.17
N VAL A 248 -2.21 12.86 10.92
CA VAL A 248 -0.85 12.90 10.38
C VAL A 248 0.07 13.83 11.15
N PRO A 249 -0.34 15.04 11.55
CA PRO A 249 0.55 15.88 12.35
C PRO A 249 0.99 15.25 13.67
N MET A 250 0.27 14.24 14.16
CA MET A 250 0.66 13.60 15.42
C MET A 250 1.86 12.69 15.27
N LEU A 251 2.14 12.23 14.06
CA LEU A 251 3.23 11.31 13.80
C LEU A 251 4.54 12.09 13.69
N PRO A 252 5.67 11.44 13.99
CA PRO A 252 6.95 12.12 13.82
C PRO A 252 7.11 12.64 12.41
N ASP A 253 7.46 13.92 12.29
CA ASP A 253 7.58 14.56 10.98
C ASP A 253 8.70 13.97 10.17
N ASP A 254 9.78 13.52 10.81
CA ASP A 254 11.00 13.12 10.11
C ASP A 254 10.99 11.67 9.64
N LYS A 255 9.87 10.97 9.74
CA LYS A 255 9.76 9.59 9.29
C LYS A 255 8.63 9.47 8.27
N PRO A 256 8.69 8.47 7.39
CA PRO A 256 7.63 8.32 6.38
C PRO A 256 6.28 8.05 7.02
N HIS A 257 5.23 8.49 6.34
CA HIS A 257 3.85 8.31 6.76
C HIS A 257 3.13 7.50 5.69
N TYR A 258 2.60 6.34 6.07
CA TYR A 258 2.07 5.36 5.13
C TYR A 258 0.57 5.20 5.36
N LEU A 259 -0.24 5.58 4.39
CA LEU A 259 -1.68 5.42 4.49
C LEU A 259 -2.09 4.10 3.84
N MET A 260 -2.51 3.14 4.67
CA MET A 260 -2.73 1.78 4.19
C MET A 260 -4.07 1.66 3.47
N GLY A 261 -4.05 1.03 2.29
CA GLY A 261 -5.26 0.74 1.56
C GLY A 261 -5.83 1.85 0.72
N VAL A 262 -5.17 3.00 0.65
CA VAL A 262 -5.65 4.14 -0.13
C VAL A 262 -4.76 4.29 -1.37
N GLY A 263 -5.35 4.51 -2.55
CA GLY A 263 -6.78 4.60 -2.77
C GLY A 263 -7.04 5.11 -4.18
N LYS A 264 -8.20 5.73 -4.40
CA LYS A 264 -8.51 6.34 -5.69
C LYS A 264 -7.54 7.50 -5.95
N PRO A 265 -7.35 7.87 -7.23
CA PRO A 265 -6.42 8.98 -7.53
C PRO A 265 -6.65 10.25 -6.72
N ASP A 266 -7.90 10.70 -6.59
N ASP A 266 -7.91 10.69 -6.60
CA ASP A 266 -8.15 11.91 -5.82
CA ASP A 266 -8.21 11.88 -5.83
C ASP A 266 -7.92 11.69 -4.33
C ASP A 266 -7.96 11.69 -4.34
N ASP A 267 -8.15 10.47 -3.83
CA ASP A 267 -7.79 10.17 -2.44
C ASP A 267 -6.30 10.35 -2.22
N ILE A 268 -5.50 9.86 -3.17
CA ILE A 268 -4.04 9.98 -3.07
C ILE A 268 -3.61 11.44 -3.06
N VAL A 269 -4.14 12.25 -3.98
CA VAL A 269 -3.75 13.66 -4.05
C VAL A 269 -4.06 14.35 -2.74
N GLY A 270 -5.28 14.17 -2.22
CA GLY A 270 -5.65 14.82 -0.98
C GLY A 270 -4.87 14.33 0.22
N ALA A 271 -4.52 13.04 0.23
CA ALA A 271 -3.71 12.50 1.32
C ALA A 271 -2.29 13.06 1.30
N VAL A 272 -1.72 13.26 0.11
CA VAL A 272 -0.41 13.89 0.00
C VAL A 272 -0.48 15.33 0.52
N GLU A 273 -1.55 16.05 0.17
CA GLU A 273 -1.78 17.40 0.69
C GLU A 273 -1.84 17.41 2.22
N ARG A 274 -2.05 16.25 2.84
CA ARG A 274 -2.17 16.12 4.28
C ARG A 274 -0.98 15.41 4.90
N GLY A 275 0.09 15.18 4.15
CA GLY A 275 1.33 14.71 4.71
C GLY A 275 1.64 13.24 4.54
N ILE A 276 0.92 12.52 3.68
CA ILE A 276 1.17 11.09 3.47
C ILE A 276 2.26 10.90 2.42
N ASP A 277 3.14 9.92 2.66
CA ASP A 277 4.28 9.63 1.79
C ASP A 277 4.16 8.31 1.05
N MET A 278 3.30 7.39 1.47
CA MET A 278 3.26 6.06 0.89
C MET A 278 1.83 5.55 0.86
N PHE A 279 1.53 4.77 -0.18
CA PHE A 279 0.17 4.34 -0.48
C PHE A 279 0.21 2.92 -1.04
N ASP A 280 -0.88 2.18 -0.83
CA ASP A 280 -1.09 0.92 -1.53
C ASP A 280 -2.58 0.72 -1.68
N CYS A 281 -2.99 0.09 -2.77
N CYS A 281 -2.97 -0.02 -2.72
CA CYS A 281 -4.37 -0.38 -2.87
CA CYS A 281 -4.38 -0.24 -3.00
C CYS A 281 -4.50 -1.31 -4.06
C CYS A 281 -4.52 -1.28 -4.12
N VAL A 282 -5.54 -2.14 -4.00
CA VAL A 282 -5.85 -3.05 -5.10
C VAL A 282 -6.61 -2.40 -6.24
N LEU A 283 -7.10 -1.17 -6.08
CA LEU A 283 -7.94 -0.56 -7.12
C LEU A 283 -7.38 -0.63 -8.53
N PRO A 284 -6.13 -0.22 -8.81
CA PRO A 284 -5.68 -0.23 -10.21
C PRO A 284 -5.61 -1.63 -10.80
N THR A 285 -5.19 -2.61 -10.01
CA THR A 285 -5.12 -3.99 -10.52
C THR A 285 -6.51 -4.62 -10.60
N ARG A 286 -7.25 -4.62 -9.50
N ARG A 286 -7.25 -4.62 -9.49
CA ARG A 286 -8.54 -5.30 -9.47
CA ARG A 286 -8.55 -5.30 -9.44
C ARG A 286 -9.54 -4.65 -10.41
C ARG A 286 -9.54 -4.64 -10.40
N SER A 287 -9.66 -3.32 -10.36
CA SER A 287 -10.66 -2.68 -11.24
C SER A 287 -10.20 -2.71 -12.69
N GLY A 288 -8.89 -2.74 -12.93
CA GLY A 288 -8.40 -2.95 -14.29
C GLY A 288 -8.90 -4.26 -14.89
N ARG A 289 -8.80 -5.36 -14.12
CA ARG A 289 -9.31 -6.63 -14.60
C ARG A 289 -10.81 -6.58 -14.86
N ASN A 290 -11.52 -5.74 -14.11
CA ASN A 290 -12.96 -5.59 -14.27
C ASN A 290 -13.34 -4.62 -15.38
N GLY A 291 -12.38 -4.00 -16.04
CA GLY A 291 -12.67 -3.12 -17.17
C GLY A 291 -12.56 -1.64 -16.91
N GLN A 292 -12.18 -1.22 -15.71
CA GLN A 292 -12.06 0.21 -15.43
C GLN A 292 -10.64 0.66 -15.70
N ALA A 293 -10.50 1.65 -16.60
CA ALA A 293 -9.21 2.24 -16.92
C ALA A 293 -9.14 3.66 -16.40
N PHE A 294 -8.04 4.03 -15.78
CA PHE A 294 -7.86 5.39 -15.28
C PHE A 294 -7.30 6.28 -16.38
N THR A 295 -7.86 7.49 -16.49
CA THR A 295 -7.40 8.49 -17.44
C THR A 295 -7.37 9.83 -16.73
N TRP A 296 -6.66 10.79 -17.34
CA TRP A 296 -6.62 12.13 -16.75
C TRP A 296 -7.97 12.82 -16.80
N ASP A 297 -8.91 12.31 -17.60
CA ASP A 297 -10.27 12.82 -17.64
C ASP A 297 -11.22 11.98 -16.80
N GLY A 298 -10.70 11.21 -15.85
CA GLY A 298 -11.51 10.36 -15.02
C GLY A 298 -11.51 8.92 -15.51
N PRO A 299 -12.03 8.00 -14.70
CA PRO A 299 -12.06 6.60 -15.11
C PRO A 299 -13.08 6.37 -16.23
N ILE A 300 -12.80 5.35 -17.05
CA ILE A 300 -13.72 4.89 -18.07
C ILE A 300 -13.91 3.39 -17.88
N ASN A 301 -15.08 2.88 -18.25
CA ASN A 301 -15.24 1.43 -18.34
C ASN A 301 -15.11 1.00 -19.79
N ILE A 302 -14.00 0.32 -20.09
CA ILE A 302 -13.65 -0.02 -21.45
C ILE A 302 -14.66 -0.96 -22.07
N ARG A 303 -15.46 -1.67 -21.26
CA ARG A 303 -16.48 -2.55 -21.82
C ARG A 303 -17.63 -1.78 -22.47
N ASN A 304 -17.81 -0.50 -22.15
CA ASN A 304 -18.94 0.25 -22.69
C ASN A 304 -18.90 0.25 -24.21
N ALA A 305 -20.09 0.13 -24.82
CA ALA A 305 -20.20 0.04 -26.27
C ALA A 305 -19.59 1.24 -26.98
N ARG A 306 -19.49 2.39 -26.31
CA ARG A 306 -18.93 3.57 -26.97
C ARG A 306 -17.46 3.40 -27.34
N PHE A 307 -16.79 2.38 -26.82
CA PHE A 307 -15.37 2.16 -27.13
C PHE A 307 -15.14 1.10 -28.20
N SER A 308 -16.22 0.55 -28.77
CA SER A 308 -16.06 -0.61 -29.66
C SER A 308 -15.28 -0.28 -30.93
N GLU A 309 -15.28 0.98 -31.38
CA GLU A 309 -14.55 1.38 -32.57
C GLU A 309 -13.63 2.56 -32.29
N ASP A 310 -13.23 2.75 -31.04
CA ASP A 310 -12.41 3.89 -30.66
C ASP A 310 -10.94 3.50 -30.85
N LEU A 311 -10.27 4.13 -31.80
CA LEU A 311 -8.87 3.81 -32.09
C LEU A 311 -7.90 4.50 -31.16
N LYS A 312 -8.35 5.41 -30.30
CA LYS A 312 -7.44 6.11 -29.41
C LYS A 312 -6.93 5.16 -28.34
N PRO A 313 -5.77 5.46 -27.76
CA PRO A 313 -5.31 4.70 -26.59
C PRO A 313 -6.19 4.95 -25.38
N LEU A 314 -6.02 4.11 -24.36
CA LEU A 314 -6.81 4.27 -23.13
C LEU A 314 -6.76 5.71 -22.63
N ASP A 315 -5.57 6.31 -22.58
CA ASP A 315 -5.41 7.70 -22.20
C ASP A 315 -4.51 8.41 -23.20
N SER A 316 -4.89 9.64 -23.56
CA SER A 316 -4.26 10.36 -24.66
C SER A 316 -2.85 10.86 -24.33
N GLU A 317 -2.47 10.92 -23.05
CA GLU A 317 -1.16 11.40 -22.66
C GLU A 317 -0.27 10.30 -22.09
N CYS A 318 -0.86 9.20 -21.64
CA CYS A 318 -0.14 8.15 -20.92
C CYS A 318 1.04 7.65 -21.74
N HIS A 319 2.18 7.47 -21.08
CA HIS A 319 3.39 7.01 -21.75
C HIS A 319 3.57 5.50 -21.71
N CYS A 320 2.59 4.75 -21.19
CA CYS A 320 2.81 3.33 -20.99
C CYS A 320 2.82 2.57 -22.31
N ALA A 321 3.36 1.36 -22.26
CA ALA A 321 3.51 0.55 -23.47
C ALA A 321 2.17 0.16 -24.05
N VAL A 322 1.14 0.04 -23.21
CA VAL A 322 -0.19 -0.30 -23.71
C VAL A 322 -0.73 0.83 -24.56
N CYS A 323 -0.58 2.07 -24.08
CA CYS A 323 -1.09 3.21 -24.82
C CYS A 323 -0.25 3.53 -26.03
N GLN A 324 0.99 3.04 -26.10
CA GLN A 324 1.77 3.21 -27.32
C GLN A 324 1.34 2.27 -28.43
N LYS A 325 0.70 1.13 -28.10
N LYS A 325 0.73 1.14 -28.13
CA LYS A 325 0.57 -0.01 -29.01
CA LYS A 325 0.47 0.14 -29.15
C LYS A 325 -0.84 -0.47 -29.32
C LYS A 325 -1.01 -0.08 -29.44
N TRP A 326 -1.81 -0.32 -28.42
CA TRP A 326 -3.16 -0.87 -28.61
C TRP A 326 -4.24 0.18 -28.40
N SER A 327 -5.34 -0.01 -29.13
CA SER A 327 -6.47 0.89 -29.07
C SER A 327 -7.46 0.48 -28.00
N ARG A 328 -8.28 1.46 -27.60
CA ARG A 328 -9.45 1.18 -26.78
C ARG A 328 -10.30 0.07 -27.39
N ALA A 329 -10.52 0.13 -28.72
CA ALA A 329 -11.36 -0.86 -29.37
C ALA A 329 -10.83 -2.27 -29.17
N TYR A 330 -9.52 -2.47 -29.27
CA TYR A 330 -8.96 -3.81 -29.05
C TYR A 330 -9.13 -4.24 -27.60
N ILE A 331 -8.84 -3.35 -26.65
CA ILE A 331 -8.93 -3.74 -25.25
C ILE A 331 -10.38 -3.98 -24.85
N HIS A 332 -11.30 -3.18 -25.41
CA HIS A 332 -12.73 -3.42 -25.25
C HIS A 332 -13.09 -4.84 -25.66
N HIS A 333 -12.63 -5.25 -26.85
CA HIS A 333 -12.88 -6.61 -27.32
C HIS A 333 -12.31 -7.65 -26.36
N LEU A 334 -11.06 -7.45 -25.93
CA LEU A 334 -10.41 -8.43 -25.06
C LEU A 334 -11.17 -8.61 -23.76
N ILE A 335 -11.52 -7.51 -23.10
CA ILE A 335 -12.22 -7.62 -21.82
C ILE A 335 -13.59 -8.25 -21.99
N ARG A 336 -14.32 -7.85 -23.03
CA ARG A 336 -15.65 -8.43 -23.24
C ARG A 336 -15.57 -9.92 -23.57
N ALA A 337 -14.48 -10.36 -24.19
CA ALA A 337 -14.27 -11.77 -24.50
C ALA A 337 -13.69 -12.57 -23.33
N GLY A 338 -13.38 -11.93 -22.20
CA GLY A 338 -12.76 -12.64 -21.08
C GLY A 338 -11.35 -13.09 -21.34
N GLU A 339 -10.63 -12.39 -22.21
CA GLU A 339 -9.29 -12.81 -22.59
C GLU A 339 -8.26 -12.33 -21.58
N ILE A 340 -7.31 -13.20 -21.27
CA ILE A 340 -6.28 -12.88 -20.29
C ILE A 340 -5.48 -11.64 -20.70
N LEU A 341 -5.21 -11.48 -22.01
CA LEU A 341 -4.45 -10.32 -22.44
C LEU A 341 -5.19 -9.02 -22.11
N GLY A 342 -6.53 -9.05 -22.06
CA GLY A 342 -7.24 -7.87 -21.61
C GLY A 342 -6.88 -7.49 -20.19
N ALA A 343 -6.85 -8.48 -19.29
CA ALA A 343 -6.44 -8.22 -17.90
C ALA A 343 -5.01 -7.71 -17.85
N MET A 344 -4.12 -8.32 -18.65
CA MET A 344 -2.72 -7.89 -18.66
C MET A 344 -2.59 -6.43 -19.09
N LEU A 345 -3.26 -6.05 -20.18
CA LEU A 345 -3.08 -4.70 -20.71
C LEU A 345 -3.74 -3.66 -19.82
N MET A 346 -4.97 -3.94 -19.34
CA MET A 346 -5.62 -3.01 -18.43
C MET A 346 -4.79 -2.80 -17.16
N THR A 347 -4.21 -3.87 -16.61
CA THR A 347 -3.46 -3.75 -15.37
C THR A 347 -2.19 -2.96 -15.58
N GLU A 348 -1.44 -3.25 -16.66
CA GLU A 348 -0.22 -2.50 -16.93
C GLU A 348 -0.53 -1.02 -17.07
N HIS A 349 -1.55 -0.68 -17.85
CA HIS A 349 -1.90 0.73 -18.00
C HIS A 349 -2.28 1.36 -16.66
N ASN A 350 -3.12 0.69 -15.87
CA ASN A 350 -3.58 1.31 -14.62
C ASN A 350 -2.44 1.52 -13.65
N ILE A 351 -1.53 0.54 -13.55
CA ILE A 351 -0.39 0.70 -12.65
C ILE A 351 0.54 1.79 -13.17
N ALA A 352 0.71 1.87 -14.49
CA ALA A 352 1.52 2.94 -15.06
C ALA A 352 0.88 4.30 -14.83
N PHE A 353 -0.45 4.38 -14.97
CA PHE A 353 -1.14 5.63 -14.68
C PHE A 353 -0.90 6.06 -13.23
N TYR A 354 -1.04 5.12 -12.28
CA TYR A 354 -0.78 5.43 -10.88
C TYR A 354 0.64 5.93 -10.67
N GLN A 355 1.62 5.31 -11.34
CA GLN A 355 3.00 5.74 -11.18
C GLN A 355 3.23 7.11 -11.80
N GLN A 356 2.57 7.40 -12.92
CA GLN A 356 2.67 8.73 -13.53
C GLN A 356 2.03 9.79 -12.63
N LEU A 357 0.91 9.44 -11.98
CA LEU A 357 0.34 10.34 -10.98
C LEU A 357 1.35 10.63 -9.88
N MET A 358 1.97 9.59 -9.33
CA MET A 358 2.95 9.82 -8.27
C MET A 358 4.11 10.67 -8.77
N GLN A 359 4.57 10.44 -10.00
CA GLN A 359 5.66 11.24 -10.56
C GLN A 359 5.27 12.70 -10.67
N LYS A 360 4.04 12.96 -11.14
CA LYS A 360 3.57 14.35 -11.24
C LYS A 360 3.45 14.99 -9.87
N ILE A 361 3.02 14.21 -8.87
CA ILE A 361 2.97 14.72 -7.50
C ILE A 361 4.37 15.07 -7.02
N ARG A 362 5.31 14.14 -7.19
CA ARG A 362 6.68 14.38 -6.72
C ARG A 362 7.29 15.60 -7.40
N ASP A 363 7.16 15.69 -8.72
CA ASP A 363 7.74 16.83 -9.44
C ASP A 363 7.10 18.13 -9.02
N SER A 364 5.77 18.13 -8.84
CA SER A 364 5.12 19.40 -8.51
C SER A 364 5.48 19.87 -7.10
N ILE A 365 5.62 18.95 -6.14
CA ILE A 365 6.10 19.35 -4.81
C ILE A 365 7.52 19.88 -4.90
N SER A 366 8.40 19.15 -5.60
N SER A 366 8.39 19.17 -5.61
CA SER A 366 9.78 19.57 -5.77
CA SER A 366 9.78 19.62 -5.70
C SER A 366 9.85 20.98 -6.31
C SER A 366 9.88 21.00 -6.34
N GLU A 367 8.96 21.32 -7.24
CA GLU A 367 8.96 22.59 -7.93
C GLU A 367 8.10 23.66 -7.26
N GLY A 368 7.45 23.33 -6.13
CA GLY A 368 6.67 24.31 -5.41
C GLY A 368 5.38 24.70 -6.11
N ARG A 369 4.81 23.79 -6.89
CA ARG A 369 3.57 24.04 -7.62
C ARG A 369 2.58 22.90 -7.43
N PHE A 370 2.64 22.22 -6.28
CA PHE A 370 1.75 21.10 -6.03
C PHE A 370 0.31 21.56 -5.81
N SER A 371 0.12 22.69 -5.12
CA SER A 371 -1.22 23.25 -4.98
C SER A 371 -1.89 23.44 -6.34
N GLN A 372 -1.18 24.04 -7.28
CA GLN A 372 -1.75 24.24 -8.62
C GLN A 372 -1.95 22.90 -9.32
N PHE A 373 -1.03 21.96 -9.13
CA PHE A 373 -1.23 20.65 -9.75
C PHE A 373 -2.50 19.99 -9.24
N ALA A 374 -2.73 20.03 -7.92
CA ALA A 374 -3.90 19.38 -7.36
C ALA A 374 -5.18 20.01 -7.89
N GLN A 375 -5.20 21.34 -7.99
CA GLN A 375 -6.37 22.04 -8.53
C GLN A 375 -6.60 21.66 -9.99
N ASP A 376 -5.53 21.70 -10.80
CA ASP A 376 -5.66 21.35 -12.21
C ASP A 376 -6.07 19.89 -12.37
N PHE A 377 -5.48 19.01 -11.57
CA PHE A 377 -5.83 17.60 -11.64
C PHE A 377 -7.32 17.39 -11.39
N ARG A 378 -7.84 18.01 -10.32
N ARG A 378 -7.85 18.00 -10.32
CA ARG A 378 -9.24 17.79 -9.96
CA ARG A 378 -9.25 17.78 -9.97
C ARG A 378 -10.20 18.40 -10.97
C ARG A 378 -10.18 18.38 -11.01
N ALA A 379 -9.87 19.58 -11.51
CA ALA A 379 -10.75 20.22 -12.48
C ALA A 379 -10.92 19.37 -13.72
N ARG A 380 -9.85 18.71 -14.14
CA ARG A 380 -9.93 17.90 -15.35
C ARG A 380 -10.46 16.50 -15.05
N TYR A 381 -10.04 15.90 -13.95
CA TYR A 381 -10.42 14.53 -13.63
C TYR A 381 -11.92 14.43 -13.36
N PHE A 382 -12.52 15.47 -12.78
CA PHE A 382 -13.94 15.46 -12.45
C PHE A 382 -14.77 16.32 -13.40
N ALA A 383 -14.26 16.62 -14.59
CA ALA A 383 -15.02 17.42 -15.56
C ALA A 383 -16.03 16.58 -16.32
ZN ZN B . -1.38 3.78 -20.69
C1 GOL C . 13.07 -5.24 -10.36
O1 GOL C . 14.32 -4.59 -10.28
C2 GOL C . 13.26 -6.61 -11.01
O2 GOL C . 13.41 -7.62 -10.04
C3 GOL C . 12.07 -6.86 -11.93
O3 GOL C . 12.07 -8.20 -12.38
C1 GOL D . -3.33 16.66 -14.62
O1 GOL D . -4.59 17.02 -15.13
C2 GOL D . -2.30 16.81 -15.73
O2 GOL D . -1.01 16.86 -15.16
C3 GOL D . -2.39 15.60 -16.64
O3 GOL D . -1.53 15.76 -17.75
C2 6H8 E . -5.99 -2.21 5.18
C4 6H8 E . -4.55 -2.58 7.05
C5 6H8 E . -3.20 -3.46 9.00
C6 6H8 E . -4.92 -1.34 7.58
C1 6H8 E . -7.61 -1.45 3.99
C3 6H8 E . -5.03 -3.00 5.82
C8 6H8 E . -6.37 -0.99 5.74
N4 6H8 E . -3.73 -2.64 9.90
N3 6H8 E . -2.28 -4.44 9.35
N2 6H8 E . -3.68 -3.47 7.73
C7 6H8 E . -5.82 -0.53 6.92
N1 6H8 E . -6.78 -2.48 4.07
N5 6H8 E . -7.41 -0.52 4.95
N 6H8 E . -8.58 -1.38 3.08
C 6H8 E . -8.78 -2.37 2.05
CL CL F . -5.48 -7.06 -7.22
#